data_4NB2
#
_entry.id   4NB2
#
_cell.length_a   40.608
_cell.length_b   44.825
_cell.length_c   45.665
_cell.angle_alpha   119.300
_cell.angle_beta   106.790
_cell.angle_gamma   97.920
#
_symmetry.space_group_name_H-M   'P 1'
#
loop_
_entity.id
_entity.type
_entity.pdbx_description
1 polymer 'Metallothiol transferase FosB'
2 non-polymer 'SULFATE ION'
3 water water
#
_entity_poly.entity_id   1
_entity_poly.type   'polypeptide(L)'
_entity_poly.pdbx_seq_one_letter_code
;MHHHHHHMLKSINHICFSVRNLNDSIHFYRDILLGKLLLTGKKTAYFELAGLWIALNEEKDIPRNEIHFSYTHIAFTIDD
SEFKYWHQRLKDNNVNILEGRVRDIRDRQSIYFTDPDGHKLELHTGTLENRLNYYKEAKPHMTFYK
;
_entity_poly.pdbx_strand_id   A,B
#
loop_
_chem_comp.id
_chem_comp.type
_chem_comp.name
_chem_comp.formula
SO4 non-polymer 'SULFATE ION' 'O4 S -2'
#
# COMPACT_ATOMS: atom_id res chain seq x y z
N HIS A 7 3.37 -21.64 2.88
CA HIS A 7 4.15 -20.38 2.72
C HIS A 7 3.44 -19.36 1.84
N MET A 8 2.82 -18.37 2.47
CA MET A 8 2.20 -17.28 1.76
C MET A 8 2.28 -16.06 2.66
N LEU A 9 2.40 -14.88 2.07
CA LEU A 9 2.16 -13.64 2.81
C LEU A 9 0.66 -13.69 3.09
N LYS A 10 0.22 -13.34 4.29
CA LYS A 10 -1.15 -13.60 4.69
C LYS A 10 -2.10 -12.48 4.31
N SER A 11 -1.63 -11.25 4.40
CA SER A 11 -2.47 -10.07 4.24
C SER A 11 -1.57 -8.85 4.22
N ILE A 12 -2.11 -7.73 3.73
CA ILE A 12 -1.41 -6.47 3.88
C ILE A 12 -1.40 -6.13 5.39
N ASN A 13 -0.30 -5.59 5.90
CA ASN A 13 -0.14 -5.23 7.30
C ASN A 13 -0.43 -3.72 7.48
N HIS A 14 0.25 -2.86 6.68
CA HIS A 14 -0.02 -1.41 6.73
C HIS A 14 0.70 -0.71 5.59
N ILE A 15 0.35 0.56 5.34
N ILE A 15 0.35 0.54 5.31
CA ILE A 15 1.00 1.42 4.32
CA ILE A 15 1.21 1.32 4.44
C ILE A 15 1.56 2.66 5.00
C ILE A 15 1.73 2.52 5.18
N CYS A 16 2.79 3.12 4.64
CA CYS A 16 3.39 4.21 5.35
C CYS A 16 3.64 5.30 4.32
N PHE A 17 3.37 6.55 4.68
CA PHE A 17 3.48 7.67 3.78
C PHE A 17 4.28 8.72 4.51
N SER A 18 5.26 9.28 3.81
CA SER A 18 5.86 10.50 4.32
C SER A 18 5.03 11.74 4.03
N VAL A 19 4.93 12.62 5.02
CA VAL A 19 4.09 13.80 4.82
C VAL A 19 4.79 15.06 5.36
N ARG A 20 4.55 16.20 4.72
CA ARG A 20 5.23 17.45 5.12
C ARG A 20 4.63 18.07 6.40
N ASN A 21 3.33 17.96 6.54
CA ASN A 21 2.63 18.60 7.64
C ASN A 21 1.64 17.59 8.16
N LEU A 22 1.95 17.07 9.32
CA LEU A 22 1.04 16.14 9.97
C LEU A 22 -0.43 16.67 10.21
N ASN A 23 -0.64 17.95 10.60
CA ASN A 23 -2.00 18.46 10.85
C ASN A 23 -2.83 18.52 9.56
N ASP A 24 -2.29 19.03 8.50
CA ASP A 24 -2.94 18.90 7.24
C ASP A 24 -3.28 17.46 6.86
N SER A 25 -2.33 16.53 7.04
CA SER A 25 -2.57 15.10 6.66
C SER A 25 -3.64 14.43 7.53
N ILE A 26 -3.63 14.70 8.85
CA ILE A 26 -4.71 14.26 9.74
C ILE A 26 -6.07 14.75 9.23
N HIS A 27 -6.20 16.06 8.93
CA HIS A 27 -7.50 16.56 8.46
C HIS A 27 -7.83 15.83 7.15
N PHE A 28 -6.85 15.64 6.26
CA PHE A 28 -7.11 14.96 4.98
C PHE A 28 -7.66 13.52 5.26
N TYR A 29 -6.89 12.76 6.01
CA TYR A 29 -7.25 11.34 6.24
C TYR A 29 -8.41 11.02 7.17
N ARG A 30 -8.56 11.79 8.27
CA ARG A 30 -9.56 11.55 9.29
C ARG A 30 -10.88 12.23 8.88
N ASP A 31 -10.83 13.47 8.38
CA ASP A 31 -12.03 14.24 8.13
C ASP A 31 -12.48 14.14 6.67
N ILE A 32 -11.64 14.48 5.70
CA ILE A 32 -12.10 14.33 4.27
C ILE A 32 -12.44 12.83 3.92
N LEU A 33 -11.48 11.94 4.17
CA LEU A 33 -11.65 10.55 3.84
C LEU A 33 -12.33 9.66 4.90
N LEU A 34 -12.63 10.29 6.08
CA LEU A 34 -13.37 9.66 7.15
C LEU A 34 -12.71 8.45 7.76
N GLY A 35 -11.36 8.49 7.80
CA GLY A 35 -10.57 7.45 8.52
C GLY A 35 -10.59 7.67 10.01
N LYS A 36 -10.11 6.68 10.76
CA LYS A 36 -10.15 6.72 12.22
C LYS A 36 -8.75 6.97 12.78
N LEU A 37 -8.58 8.07 13.51
CA LEU A 37 -7.29 8.38 14.12
C LEU A 37 -7.05 7.57 15.37
N LEU A 38 -5.93 6.87 15.41
CA LEU A 38 -5.57 5.88 16.48
C LEU A 38 -4.49 6.34 17.41
N LEU A 39 -3.50 7.04 16.87
CA LEU A 39 -2.38 7.38 17.69
C LEU A 39 -1.70 8.54 17.04
N THR A 40 -1.09 9.41 17.82
CA THR A 40 -0.08 10.35 17.37
C THR A 40 1.13 10.37 18.33
N GLY A 41 2.24 10.76 17.76
CA GLY A 41 3.45 11.02 18.52
C GLY A 41 4.06 12.13 17.77
N LYS A 42 5.37 12.29 17.96
CA LYS A 42 6.23 12.84 16.92
C LYS A 42 5.51 13.93 16.07
N LYS A 43 5.55 13.98 14.73
CA LYS A 43 6.19 13.10 13.73
C LYS A 43 5.38 11.94 13.23
N THR A 44 4.46 11.38 14.02
CA THR A 44 3.71 10.24 13.50
C THR A 44 2.22 10.28 13.80
N ALA A 45 1.41 9.74 12.86
CA ALA A 45 -0.03 9.43 13.10
C ALA A 45 -0.45 8.08 12.50
N TYR A 46 -1.29 7.30 13.18
CA TYR A 46 -1.76 6.01 12.65
C TYR A 46 -3.24 6.15 12.44
N PHE A 47 -3.73 5.69 11.29
CA PHE A 47 -5.15 5.66 10.97
C PHE A 47 -5.60 4.26 10.64
N GLU A 48 -6.88 3.97 10.81
CA GLU A 48 -7.52 2.81 10.16
C GLU A 48 -8.40 3.43 9.08
N LEU A 49 -8.19 3.06 7.81
CA LEU A 49 -9.01 3.65 6.73
C LEU A 49 -9.32 2.52 5.77
N ALA A 50 -10.60 2.30 5.51
CA ALA A 50 -10.97 1.27 4.53
C ALA A 50 -10.41 -0.13 4.96
N GLY A 51 -10.37 -0.39 6.27
CA GLY A 51 -9.85 -1.66 6.84
C GLY A 51 -8.32 -1.80 6.84
N LEU A 52 -7.59 -0.69 6.61
CA LEU A 52 -6.12 -0.73 6.39
C LEU A 52 -5.44 0.17 7.43
N TRP A 53 -4.37 -0.29 8.03
CA TRP A 53 -3.57 0.58 8.90
C TRP A 53 -2.79 1.53 7.98
N ILE A 54 -2.97 2.84 8.16
CA ILE A 54 -2.10 3.80 7.43
C ILE A 54 -1.22 4.53 8.46
N ALA A 55 0.10 4.55 8.26
CA ALA A 55 1.01 5.26 9.14
C ALA A 55 1.60 6.47 8.43
N LEU A 56 1.45 7.66 9.00
CA LEU A 56 2.10 8.84 8.45
C LEU A 56 3.33 9.23 9.25
N ASN A 57 4.43 9.53 8.57
CA ASN A 57 5.68 10.02 9.24
C ASN A 57 5.95 11.43 8.76
N GLU A 58 5.92 12.41 9.66
CA GLU A 58 6.13 13.77 9.23
C GLU A 58 7.62 14.02 8.91
N GLU A 59 7.87 14.48 7.69
CA GLU A 59 9.19 14.93 7.24
C GLU A 59 9.02 16.31 6.54
N LYS A 60 9.26 17.37 7.28
CA LYS A 60 8.83 18.72 6.87
C LYS A 60 9.56 19.31 5.64
N ASP A 61 10.64 18.66 5.17
CA ASP A 61 11.37 19.15 3.99
C ASP A 61 11.28 18.24 2.73
N ILE A 62 10.12 17.64 2.51
CA ILE A 62 9.87 16.82 1.32
C ILE A 62 9.88 17.67 0.03
N PRO A 63 10.41 17.12 -1.09
CA PRO A 63 10.35 17.84 -2.38
C PRO A 63 8.96 17.75 -3.02
N PHE A 69 6.65 11.18 -6.80
CA PHE A 69 5.28 10.81 -6.43
C PHE A 69 4.51 10.11 -7.56
N SER A 70 5.18 9.89 -8.68
CA SER A 70 4.53 9.40 -9.90
C SER A 70 4.55 7.88 -10.10
N TYR A 71 5.25 7.14 -9.24
CA TYR A 71 5.58 5.77 -9.60
C TYR A 71 4.88 4.76 -8.73
N THR A 72 3.86 5.26 -8.03
CA THR A 72 2.96 4.44 -7.24
C THR A 72 1.58 5.08 -7.01
N HIS A 73 0.56 4.24 -6.84
CA HIS A 73 -0.74 4.78 -6.36
C HIS A 73 -1.45 3.73 -5.58
N ILE A 74 -2.35 4.14 -4.67
CA ILE A 74 -3.19 3.18 -3.90
C ILE A 74 -4.59 3.56 -4.27
N ALA A 75 -5.37 2.53 -4.56
CA ALA A 75 -6.74 2.70 -5.01
C ALA A 75 -7.66 2.05 -3.98
N PHE A 76 -8.80 2.66 -3.70
CA PHE A 76 -9.81 2.25 -2.67
C PHE A 76 -11.11 2.00 -3.41
N THR A 77 -11.87 1.05 -2.91
CA THR A 77 -13.21 0.67 -3.44
C THR A 77 -14.29 1.44 -2.69
N ILE A 78 -15.22 2.05 -3.44
CA ILE A 78 -16.42 2.67 -2.86
C ILE A 78 -17.70 2.09 -3.49
N ASP A 79 -18.79 2.14 -2.71
CA ASP A 79 -20.14 1.85 -3.20
C ASP A 79 -20.41 2.67 -4.47
N ASP A 80 -20.91 2.04 -5.50
CA ASP A 80 -21.18 2.76 -6.74
C ASP A 80 -22.25 3.83 -6.50
N SER A 81 -23.21 3.56 -5.62
CA SER A 81 -24.22 4.56 -5.25
CA SER A 81 -24.23 4.57 -5.28
C SER A 81 -23.69 5.81 -4.54
N GLU A 82 -22.43 5.71 -4.06
CA GLU A 82 -21.72 6.80 -3.39
C GLU A 82 -20.77 7.55 -4.25
N PHE A 83 -20.78 7.30 -5.58
CA PHE A 83 -19.79 7.96 -6.39
C PHE A 83 -19.90 9.46 -6.28
N LYS A 84 -21.13 9.94 -6.46
CA LYS A 84 -21.38 11.36 -6.48
C LYS A 84 -21.08 11.96 -5.11
N TYR A 85 -21.41 11.24 -4.05
CA TYR A 85 -21.13 11.71 -2.70
C TYR A 85 -19.64 11.98 -2.58
N TRP A 86 -18.83 11.05 -3.03
CA TRP A 86 -17.38 11.16 -2.80
C TRP A 86 -16.82 12.18 -3.71
N HIS A 87 -17.33 12.20 -4.95
CA HIS A 87 -16.77 13.17 -5.92
C HIS A 87 -16.97 14.62 -5.46
N GLN A 88 -18.19 14.90 -5.02
CA GLN A 88 -18.56 16.18 -4.40
C GLN A 88 -17.79 16.43 -3.10
N ARG A 89 -17.65 15.44 -2.21
CA ARG A 89 -16.91 15.65 -0.96
C ARG A 89 -15.50 16.13 -1.27
N LEU A 90 -14.81 15.45 -2.19
CA LEU A 90 -13.45 15.81 -2.53
C LEU A 90 -13.36 17.17 -3.17
N LYS A 91 -14.34 17.49 -4.04
CA LYS A 91 -14.34 18.82 -4.70
C LYS A 91 -14.57 19.95 -3.73
N ASP A 92 -15.56 19.79 -2.86
CA ASP A 92 -15.92 20.78 -1.83
C ASP A 92 -14.88 20.91 -0.75
N ASN A 93 -13.92 19.97 -0.74
CA ASN A 93 -12.80 20.11 0.19
C ASN A 93 -11.50 20.47 -0.46
N ASN A 94 -11.58 21.03 -1.70
CA ASN A 94 -10.45 21.58 -2.44
C ASN A 94 -9.34 20.52 -2.67
N VAL A 95 -9.74 19.25 -2.79
CA VAL A 95 -8.78 18.16 -3.03
C VAL A 95 -8.25 18.27 -4.46
N ASN A 96 -6.95 18.05 -4.65
CA ASN A 96 -6.34 17.94 -5.99
C ASN A 96 -6.89 16.73 -6.77
N ILE A 97 -7.90 16.93 -7.62
CA ILE A 97 -8.45 15.83 -8.48
C ILE A 97 -7.89 15.85 -9.90
N LEU A 98 -7.52 14.67 -10.44
CA LEU A 98 -6.83 14.65 -11.73
C LEU A 98 -7.78 14.31 -12.87
N GLN A 109 -17.81 5.33 -11.85
CA GLN A 109 -16.62 4.62 -12.31
C GLN A 109 -15.33 4.94 -11.47
N SER A 110 -14.60 6.03 -11.75
CA SER A 110 -13.29 6.30 -11.07
C SER A 110 -12.97 7.75 -10.72
N ILE A 111 -12.31 7.97 -9.56
CA ILE A 111 -11.80 9.30 -9.18
C ILE A 111 -10.31 9.18 -8.89
N TYR A 112 -9.52 10.00 -9.55
CA TYR A 112 -8.04 10.04 -9.40
C TYR A 112 -7.63 11.36 -8.75
N PHE A 113 -6.87 11.30 -7.65
CA PHE A 113 -6.66 12.46 -6.82
C PHE A 113 -5.36 12.33 -6.05
N THR A 114 -4.88 13.41 -5.42
CA THR A 114 -3.72 13.21 -4.56
C THR A 114 -4.01 13.65 -3.13
N ASP A 115 -3.21 13.18 -2.19
CA ASP A 115 -3.25 13.77 -0.85
C ASP A 115 -2.49 15.12 -0.84
N PRO A 116 -2.40 15.79 0.35
CA PRO A 116 -1.80 17.13 0.41
C PRO A 116 -0.32 17.17 -0.05
N ASP A 117 0.38 16.03 0.11
CA ASP A 117 1.77 15.86 -0.35
C ASP A 117 1.94 15.33 -1.78
N GLY A 118 0.85 15.11 -2.50
CA GLY A 118 0.95 14.54 -3.83
C GLY A 118 1.00 13.02 -3.89
N HIS A 119 0.81 12.27 -2.78
CA HIS A 119 0.62 10.79 -2.88
C HIS A 119 -0.64 10.43 -3.66
N LYS A 120 -0.48 9.56 -4.68
CA LYS A 120 -1.52 9.30 -5.68
C LYS A 120 -2.53 8.28 -5.09
N LEU A 121 -3.79 8.66 -5.15
CA LEU A 121 -4.91 7.84 -4.63
C LEU A 121 -6.01 7.72 -5.67
N GLU A 122 -6.85 6.66 -5.62
CA GLU A 122 -7.97 6.61 -6.56
C GLU A 122 -9.12 6.02 -5.80
N LEU A 123 -10.33 6.33 -6.24
CA LEU A 123 -11.52 5.63 -5.77
C LEU A 123 -12.15 4.92 -6.99
N HIS A 124 -12.61 3.67 -6.86
CA HIS A 124 -13.29 2.98 -8.02
C HIS A 124 -14.53 2.34 -7.52
N THR A 125 -15.58 2.21 -8.35
CA THR A 125 -16.84 1.64 -7.93
C THR A 125 -16.99 0.19 -8.39
N GLY A 126 -15.88 -0.44 -8.80
CA GLY A 126 -15.88 -1.87 -9.08
C GLY A 126 -14.50 -2.43 -8.75
N THR A 127 -14.43 -3.73 -8.50
CA THR A 127 -13.18 -4.35 -8.09
C THR A 127 -12.30 -4.53 -9.30
N LEU A 128 -10.99 -4.56 -9.05
CA LEU A 128 -10.06 -4.75 -10.17
C LEU A 128 -10.35 -6.09 -10.88
N GLU A 129 -10.76 -7.11 -10.12
CA GLU A 129 -11.13 -8.35 -10.73
C GLU A 129 -12.31 -8.21 -11.74
N ASN A 130 -13.41 -7.59 -11.32
CA ASN A 130 -14.51 -7.24 -12.26
C ASN A 130 -14.03 -6.53 -13.48
N ARG A 131 -13.29 -5.44 -13.28
CA ARG A 131 -12.76 -4.63 -14.39
C ARG A 131 -12.04 -5.50 -15.40
N LEU A 132 -11.17 -6.37 -14.89
CA LEU A 132 -10.39 -7.25 -15.76
C LEU A 132 -11.24 -8.24 -16.54
N ASN A 133 -12.33 -8.69 -15.93
CA ASN A 133 -13.42 -9.44 -16.62
C ASN A 133 -14.30 -8.64 -17.60
N LYS A 139 -10.11 -6.20 -23.86
CA LYS A 139 -8.80 -6.20 -24.52
C LYS A 139 -8.40 -7.66 -24.87
N PRO A 140 -8.79 -8.12 -26.08
CA PRO A 140 -8.70 -9.54 -26.46
C PRO A 140 -7.27 -10.02 -26.49
N HIS A 141 -6.37 -9.08 -26.79
CA HIS A 141 -4.94 -9.30 -26.95
C HIS A 141 -4.22 -9.58 -25.64
N MET A 142 -4.81 -9.19 -24.50
CA MET A 142 -4.25 -9.51 -23.17
C MET A 142 -4.24 -11.01 -22.83
N THR A 143 -3.33 -11.43 -21.95
CA THR A 143 -3.15 -12.83 -21.69
C THR A 143 -3.61 -13.02 -20.27
N PHE A 144 -4.62 -13.86 -20.08
CA PHE A 144 -5.33 -13.98 -18.79
C PHE A 144 -4.88 -15.34 -18.34
N TYR A 145 -4.56 -15.50 -17.04
CA TYR A 145 -4.01 -16.74 -16.49
C TYR A 145 -5.00 -17.48 -15.61
N HIS B 6 -23.25 3.65 4.08
CA HIS B 6 -23.28 5.09 4.46
C HIS B 6 -21.87 5.60 4.69
N HIS B 7 -21.34 6.29 3.68
CA HIS B 7 -20.10 7.12 3.71
C HIS B 7 -18.82 6.61 4.28
N MET B 8 -18.26 5.58 3.64
CA MET B 8 -16.92 5.08 4.01
C MET B 8 -16.25 4.56 2.74
N LEU B 9 -14.95 4.77 2.65
CA LEU B 9 -14.16 3.98 1.75
C LEU B 9 -14.26 2.50 2.24
N LYS B 10 -14.51 1.57 1.34
CA LYS B 10 -14.84 0.20 1.77
C LYS B 10 -13.62 -0.70 2.07
N SER B 11 -12.66 -0.70 1.15
CA SER B 11 -11.53 -1.59 1.15
C SER B 11 -10.48 -1.02 0.21
N ILE B 12 -9.30 -1.58 0.27
CA ILE B 12 -8.30 -1.38 -0.79
C ILE B 12 -8.70 -2.10 -2.11
N ASN B 13 -8.59 -1.36 -3.22
CA ASN B 13 -9.03 -1.86 -4.52
C ASN B 13 -7.81 -2.55 -5.14
N HIS B 14 -6.67 -1.81 -5.18
CA HIS B 14 -5.36 -2.33 -5.52
C HIS B 14 -4.26 -1.34 -5.21
N ILE B 15 -3.03 -1.81 -5.35
CA ILE B 15 -1.89 -0.88 -5.36
C ILE B 15 -1.22 -1.00 -6.72
N CYS B 16 -0.61 0.06 -7.17
CA CYS B 16 0.07 -0.01 -8.45
C CYS B 16 1.49 0.52 -8.33
N PHE B 17 2.47 -0.18 -8.93
CA PHE B 17 3.88 0.31 -9.02
C PHE B 17 4.28 0.48 -10.47
N SER B 18 5.00 1.56 -10.75
CA SER B 18 5.77 1.63 -11.99
CA SER B 18 5.76 1.64 -11.99
C SER B 18 7.11 0.88 -11.86
N VAL B 19 7.47 0.13 -12.89
CA VAL B 19 8.67 -0.74 -12.86
C VAL B 19 9.41 -0.63 -14.17
N ARG B 20 10.73 -0.78 -14.13
CA ARG B 20 11.56 -0.63 -15.38
C ARG B 20 11.45 -1.92 -16.27
N ASN B 21 11.28 -3.08 -15.67
CA ASN B 21 11.36 -4.35 -16.39
C ASN B 21 10.36 -5.39 -15.87
N LEU B 22 9.30 -5.61 -16.64
CA LEU B 22 8.20 -6.38 -16.24
C LEU B 22 8.60 -7.76 -15.86
N ASN B 23 9.46 -8.38 -16.68
CA ASN B 23 9.87 -9.79 -16.47
C ASN B 23 10.63 -9.94 -15.12
N ASP B 24 11.49 -8.99 -14.85
CA ASP B 24 12.14 -8.96 -13.56
C ASP B 24 11.14 -8.82 -12.42
N SER B 25 10.18 -7.89 -12.56
CA SER B 25 9.16 -7.75 -11.49
C SER B 25 8.25 -8.91 -11.38
N ILE B 26 7.87 -9.53 -12.50
CA ILE B 26 7.13 -10.81 -12.37
C ILE B 26 7.85 -11.92 -11.54
N HIS B 27 9.11 -12.14 -11.85
CA HIS B 27 9.94 -13.05 -11.09
C HIS B 27 9.93 -12.65 -9.60
N PHE B 28 10.09 -11.37 -9.28
CA PHE B 28 10.04 -10.92 -7.86
C PHE B 28 8.73 -11.17 -7.20
N TYR B 29 7.65 -10.60 -7.80
CA TYR B 29 6.34 -10.72 -7.09
C TYR B 29 5.70 -12.10 -7.16
N ARG B 30 5.97 -12.81 -8.24
CA ARG B 30 5.32 -14.12 -8.37
C ARG B 30 6.25 -15.24 -7.91
N ASP B 31 7.50 -15.29 -8.36
CA ASP B 31 8.33 -16.41 -7.90
C ASP B 31 8.85 -16.22 -6.45
N ILE B 32 9.46 -15.12 -6.18
CA ILE B 32 10.09 -14.91 -4.83
C ILE B 32 9.00 -14.77 -3.75
N LEU B 33 8.05 -13.83 -3.96
CA LEU B 33 6.98 -13.52 -2.97
C LEU B 33 5.77 -14.38 -3.08
N LEU B 34 5.75 -15.26 -4.09
CA LEU B 34 4.70 -16.30 -4.18
C LEU B 34 3.34 -15.73 -4.46
N GLY B 35 3.29 -14.61 -5.18
CA GLY B 35 1.97 -14.05 -5.57
C GLY B 35 1.49 -14.82 -6.78
N LYS B 36 0.24 -14.59 -7.22
CA LYS B 36 -0.29 -15.27 -8.45
C LYS B 36 -0.38 -14.24 -9.57
N LEU B 37 0.26 -14.54 -10.70
CA LEU B 37 0.11 -13.77 -11.92
C LEU B 37 -1.28 -14.00 -12.52
N LEU B 38 -2.04 -12.93 -12.68
CA LEU B 38 -3.44 -13.06 -13.17
C LEU B 38 -3.62 -12.64 -14.64
N LEU B 39 -2.83 -11.66 -15.08
CA LEU B 39 -3.06 -11.08 -16.40
C LEU B 39 -1.82 -10.31 -16.76
N THR B 40 -1.49 -10.31 -18.04
CA THR B 40 -0.52 -9.35 -18.56
C THR B 40 -1.06 -8.66 -19.84
N GLY B 41 -0.56 -7.47 -20.06
CA GLY B 41 -0.61 -6.84 -21.39
C GLY B 41 0.77 -6.48 -21.80
N LYS B 42 0.85 -5.74 -22.91
CA LYS B 42 2.11 -5.28 -23.46
C LYS B 42 3.03 -4.60 -22.42
N LYS B 43 2.43 -3.76 -21.58
CA LYS B 43 3.25 -3.01 -20.62
C LYS B 43 2.70 -3.09 -19.17
N THR B 44 2.04 -4.20 -18.87
CA THR B 44 1.16 -4.29 -17.73
C THR B 44 1.18 -5.71 -17.21
N ALA B 45 1.17 -5.86 -15.87
CA ALA B 45 0.92 -7.19 -15.23
C ALA B 45 0.13 -7.03 -13.93
N TYR B 46 -0.71 -7.99 -13.63
CA TYR B 46 -1.50 -7.91 -12.41
C TYR B 46 -1.33 -9.20 -11.65
N PHE B 47 -1.32 -9.08 -10.33
CA PHE B 47 -1.05 -10.20 -9.42
C PHE B 47 -2.09 -10.15 -8.31
N GLU B 48 -2.38 -11.28 -7.70
CA GLU B 48 -2.92 -11.27 -6.40
C GLU B 48 -1.81 -11.65 -5.40
N LEU B 49 -1.66 -10.86 -4.32
CA LEU B 49 -0.61 -11.17 -3.35
C LEU B 49 -1.11 -10.80 -1.97
N ALA B 50 -1.11 -11.78 -1.02
CA ALA B 50 -1.56 -11.50 0.35
C ALA B 50 -3.03 -10.99 0.33
N GLY B 51 -3.85 -11.49 -0.58
CA GLY B 51 -5.22 -11.01 -0.69
C GLY B 51 -5.36 -9.65 -1.36
N LEU B 52 -4.28 -9.09 -1.91
CA LEU B 52 -4.31 -7.73 -2.46
C LEU B 52 -4.06 -7.82 -3.97
N TRP B 53 -4.59 -6.87 -4.72
CA TRP B 53 -4.31 -6.90 -6.18
C TRP B 53 -3.23 -5.91 -6.42
N ILE B 54 -2.21 -6.37 -7.13
CA ILE B 54 -1.09 -5.50 -7.38
C ILE B 54 -1.05 -5.32 -8.88
N ALA B 55 -1.01 -4.08 -9.35
CA ALA B 55 -0.82 -3.77 -10.80
C ALA B 55 0.58 -3.18 -11.05
N LEU B 56 1.30 -3.70 -12.04
CA LEU B 56 2.57 -3.13 -12.41
C LEU B 56 2.42 -2.53 -13.81
N ASN B 57 2.90 -1.29 -13.99
CA ASN B 57 2.89 -0.60 -15.28
C ASN B 57 4.37 -0.41 -15.66
N GLU B 58 4.76 -0.89 -16.83
CA GLU B 58 6.13 -0.81 -17.20
C GLU B 58 6.42 0.61 -17.71
N GLU B 59 7.49 1.22 -17.18
CA GLU B 59 7.98 2.51 -17.62
C GLU B 59 9.50 2.47 -17.65
N LYS B 60 10.04 2.26 -18.85
CA LYS B 60 11.52 2.35 -19.06
C LYS B 60 11.96 3.77 -19.29
N SER B 70 11.35 5.85 -0.82
CA SER B 70 11.67 6.51 0.47
C SER B 70 10.55 7.43 1.03
N TYR B 71 9.54 7.77 0.23
CA TYR B 71 8.36 8.51 0.78
C TYR B 71 7.11 7.64 0.95
N THR B 72 7.27 6.33 0.76
CA THR B 72 6.22 5.36 0.99
C THR B 72 6.77 3.94 1.26
N HIS B 73 6.06 3.08 2.03
CA HIS B 73 6.40 1.65 1.98
C HIS B 73 5.19 0.84 2.20
N ILE B 74 5.23 -0.42 1.76
CA ILE B 74 4.11 -1.32 1.92
C ILE B 74 4.59 -2.48 2.77
N ALA B 75 3.80 -2.86 3.76
CA ALA B 75 4.14 -3.95 4.71
C ALA B 75 3.12 -5.03 4.60
N PHE B 76 3.56 -6.28 4.52
CA PHE B 76 2.68 -7.45 4.52
C PHE B 76 2.87 -8.19 5.81
N THR B 77 1.80 -8.86 6.28
CA THR B 77 1.84 -9.71 7.47
C THR B 77 2.25 -11.13 7.16
N ILE B 78 3.09 -11.72 8.04
CA ILE B 78 3.50 -13.10 7.97
C ILE B 78 3.39 -13.63 9.39
N ASP B 79 3.32 -14.95 9.51
CA ASP B 79 3.36 -15.58 10.84
C ASP B 79 4.75 -15.61 11.37
N ASP B 80 4.82 -15.51 12.70
CA ASP B 80 6.06 -15.67 13.38
C ASP B 80 6.79 -16.90 12.93
N SER B 81 6.05 -17.99 12.86
CA SER B 81 6.61 -19.29 12.49
C SER B 81 7.18 -19.38 11.06
N GLU B 82 6.89 -18.38 10.21
CA GLU B 82 7.42 -18.35 8.84
C GLU B 82 8.50 -17.31 8.69
N PHE B 83 8.95 -16.68 9.80
CA PHE B 83 9.91 -15.60 9.70
C PHE B 83 11.22 -16.06 9.08
N LYS B 84 11.84 -17.10 9.70
CA LYS B 84 13.11 -17.58 9.20
C LYS B 84 12.90 -18.13 7.75
N TYR B 85 11.81 -18.80 7.45
CA TYR B 85 11.55 -19.18 6.00
C TYR B 85 11.76 -17.95 5.04
N TRP B 86 11.10 -16.83 5.35
CA TRP B 86 11.13 -15.62 4.53
C TRP B 86 12.44 -14.98 4.47
N HIS B 87 13.05 -14.86 5.64
CA HIS B 87 14.37 -14.22 5.72
C HIS B 87 15.31 -14.93 4.80
N GLN B 88 15.34 -16.26 4.91
CA GLN B 88 16.28 -17.05 4.10
C GLN B 88 15.90 -17.07 2.61
N ARG B 89 14.59 -17.09 2.28
CA ARG B 89 14.16 -17.06 0.87
C ARG B 89 14.65 -15.74 0.23
N LEU B 90 14.53 -14.63 0.95
CA LEU B 90 14.95 -13.37 0.39
C LEU B 90 16.48 -13.34 0.17
N LYS B 91 17.20 -13.83 1.19
CA LYS B 91 18.65 -13.89 1.05
C LYS B 91 19.11 -14.84 -0.07
N ASP B 92 18.50 -16.01 -0.17
CA ASP B 92 18.86 -17.05 -1.15
C ASP B 92 18.56 -16.49 -2.51
N ASN B 93 17.64 -15.53 -2.60
CA ASN B 93 17.32 -14.93 -3.93
C ASN B 93 17.96 -13.65 -4.18
N ASN B 94 18.98 -13.36 -3.38
CA ASN B 94 19.74 -12.17 -3.52
C ASN B 94 18.93 -10.86 -3.51
N VAL B 95 17.83 -10.84 -2.76
CA VAL B 95 17.02 -9.62 -2.66
C VAL B 95 17.76 -8.57 -1.85
N ASN B 96 17.56 -7.30 -2.18
CA ASN B 96 18.16 -6.18 -1.42
C ASN B 96 17.43 -6.02 -0.07
N ILE B 97 18.09 -6.45 0.99
CA ILE B 97 17.56 -6.38 2.36
C ILE B 97 18.09 -5.12 3.10
N LEU B 98 17.17 -4.41 3.70
CA LEU B 98 17.50 -3.23 4.44
C LEU B 98 17.41 -3.49 5.95
N GLU B 99 18.19 -2.73 6.72
CA GLU B 99 18.18 -2.89 8.21
C GLU B 99 16.91 -2.31 8.81
N GLY B 100 16.41 -2.99 9.84
CA GLY B 100 15.30 -2.47 10.60
C GLY B 100 15.79 -2.02 11.98
N ARG B 101 14.88 -1.99 12.92
CA ARG B 101 15.15 -1.74 14.35
C ARG B 101 16.06 -2.81 14.97
N VAL B 102 16.77 -2.41 16.02
CA VAL B 102 17.54 -3.34 16.78
C VAL B 102 16.63 -4.52 17.17
N ARG B 103 17.11 -5.78 17.05
CA ARG B 103 16.37 -7.03 17.26
C ARG B 103 15.15 -7.31 16.36
N ASP B 104 14.93 -6.53 15.31
CA ASP B 104 13.91 -6.96 14.32
C ASP B 104 14.17 -8.36 13.77
N ILE B 105 15.43 -8.75 13.55
CA ILE B 105 15.71 -10.11 13.01
C ILE B 105 15.72 -11.20 14.10
N ARG B 106 16.53 -11.02 15.13
CA ARG B 106 16.60 -11.97 16.25
C ARG B 106 15.22 -12.22 16.88
N ASP B 107 14.39 -11.18 17.11
CA ASP B 107 13.04 -11.41 17.70
C ASP B 107 11.91 -11.61 16.66
N ARG B 108 12.29 -11.72 15.39
CA ARG B 108 11.33 -12.15 14.34
C ARG B 108 10.17 -11.17 14.26
N GLN B 109 10.55 -9.89 14.18
CA GLN B 109 9.57 -8.81 14.10
C GLN B 109 9.34 -8.36 12.64
N SER B 110 10.41 -8.02 11.95
CA SER B 110 10.31 -7.38 10.62
C SER B 110 11.50 -7.67 9.75
N ILE B 111 11.21 -7.84 8.44
CA ILE B 111 12.23 -7.81 7.39
C ILE B 111 11.91 -6.64 6.45
N TYR B 112 12.91 -5.82 6.12
CA TYR B 112 12.73 -4.73 5.19
C TYR B 112 13.54 -5.02 3.93
N PHE B 113 12.98 -4.67 2.78
CA PHE B 113 13.66 -5.04 1.56
C PHE B 113 13.13 -4.15 0.48
N THR B 114 13.79 -4.14 -0.69
CA THR B 114 13.20 -3.44 -1.88
C THR B 114 12.88 -4.39 -3.03
N ASP B 115 11.93 -3.97 -3.89
CA ASP B 115 11.72 -4.78 -5.10
C ASP B 115 12.84 -4.41 -6.08
N PRO B 116 12.87 -5.03 -7.30
CA PRO B 116 13.93 -4.67 -8.25
C PRO B 116 14.06 -3.17 -8.61
N ASP B 117 13.01 -2.39 -8.42
CA ASP B 117 13.05 -0.98 -8.79
C ASP B 117 13.30 -0.08 -7.59
N GLY B 118 13.54 -0.69 -6.42
CA GLY B 118 13.65 0.10 -5.17
C GLY B 118 12.44 0.54 -4.34
N HIS B 119 11.24 0.09 -4.69
CA HIS B 119 10.05 0.33 -3.88
C HIS B 119 10.22 -0.45 -2.62
N LYS B 120 9.91 0.17 -1.48
N LYS B 120 10.12 0.19 -1.44
CA LYS B 120 10.29 -0.36 -0.19
CA LYS B 120 10.49 -0.49 -0.19
C LYS B 120 9.19 -1.24 0.38
C LYS B 120 9.29 -1.23 0.36
N LEU B 121 9.56 -2.44 0.87
CA LEU B 121 8.55 -3.39 1.23
C LEU B 121 8.94 -3.90 2.60
N GLU B 122 7.97 -4.45 3.31
CA GLU B 122 8.40 -4.98 4.65
C GLU B 122 7.55 -6.22 4.87
N LEU B 123 8.11 -7.23 5.58
CA LEU B 123 7.30 -8.34 6.16
C LEU B 123 7.24 -8.18 7.68
N HIS B 124 6.08 -8.28 8.29
CA HIS B 124 6.02 -7.93 9.71
C HIS B 124 5.21 -9.03 10.35
N THR B 125 5.61 -9.48 11.55
CA THR B 125 4.83 -10.55 12.20
C THR B 125 3.75 -10.02 13.20
N GLY B 126 3.77 -8.73 13.50
CA GLY B 126 2.79 -8.13 14.42
C GLY B 126 1.55 -7.57 13.73
N THR B 127 0.53 -7.23 14.52
CA THR B 127 -0.63 -6.46 14.04
C THR B 127 -0.61 -5.01 14.54
N LEU B 128 -1.64 -4.23 14.16
CA LEU B 128 -1.84 -2.85 14.60
C LEU B 128 -2.06 -2.80 16.11
N GLU B 129 -2.98 -3.60 16.63
CA GLU B 129 -3.13 -3.73 18.12
C GLU B 129 -1.82 -4.06 18.88
N ASN B 130 -1.00 -4.95 18.31
CA ASN B 130 0.33 -5.26 18.90
C ASN B 130 1.18 -4.02 19.01
N ARG B 131 1.21 -3.22 17.92
CA ARG B 131 1.94 -1.95 17.93
C ARG B 131 1.41 -0.93 18.96
N LEU B 132 0.07 -0.90 19.05
CA LEU B 132 -0.66 0.03 19.92
C LEU B 132 -0.37 -0.37 21.38
N ASN B 133 -0.52 -1.66 21.66
CA ASN B 133 -0.17 -2.13 22.97
C ASN B 133 1.27 -1.94 23.30
N TYR B 134 2.19 -2.19 22.36
CA TYR B 134 3.61 -1.99 22.64
C TYR B 134 3.91 -0.51 22.91
N TYR B 135 3.38 0.37 22.05
CA TYR B 135 3.23 1.78 22.42
C TYR B 135 2.18 1.90 23.54
N MET B 142 3.30 9.92 23.99
CA MET B 142 2.42 9.60 22.80
C MET B 142 0.94 9.63 23.13
N THR B 143 0.13 9.97 22.15
CA THR B 143 -1.27 10.26 22.45
C THR B 143 -2.17 9.22 21.81
N PHE B 144 -2.97 8.52 22.63
CA PHE B 144 -3.78 7.41 22.09
C PHE B 144 -5.21 7.87 22.00
N TYR B 145 -5.88 7.53 20.89
CA TYR B 145 -7.31 7.89 20.69
C TYR B 145 -8.23 6.67 20.76
S SO4 C . 18.86 -7.36 14.43
O1 SO4 C . 19.99 -7.47 13.51
O2 SO4 C . 17.81 -6.69 13.61
O3 SO4 C . 18.58 -8.71 15.01
O4 SO4 C . 19.24 -6.47 15.53
#